data_4YZ7
#
_entry.id   4YZ7
#
_cell.length_a   68.317
_cell.length_b   70.931
_cell.length_c   44.048
_cell.angle_alpha   90.00
_cell.angle_beta   90.00
_cell.angle_gamma   90.00
#
_symmetry.space_group_name_H-M   'P 21 21 2'
#
loop_
_entity.id
_entity.type
_entity.pdbx_description
1 polymer 'Basic phospholipase A2 homolog piratoxin-1'
2 non-polymer 'SULFATE ION'
3 non-polymer 2-{2-[2-(2-{2-[2-(2-ETHOXY-ETHOXY)-ETHOXY]-ETHOXY}-ETHOXY)-ETHOXY]-ETHOXY}-ETHANOL
4 non-polymer '9-HYDROXY ARISTOLOCHIC ACID'
5 water water
#
_entity_poly.entity_id   1
_entity_poly.type   'polypeptide(L)'
_entity_poly.pdbx_seq_one_letter_code
;SLFELGKMILQETGKNPAKSYGAYGCNCGVLGRGKPKDATDRCCYVHKCCYKKLTGCNPKKDRYSYSWKDKTIVCGENNP
CLKELCECDKAVAICLRENLGTYNKLYRYHLKPFCKKADDC
;
_entity_poly.pdbx_strand_id   A,B
#
# COMPACT_ATOMS: atom_id res chain seq x y z
N SER A 1 -8.14 0.67 -10.38
CA SER A 1 -7.96 0.76 -8.93
C SER A 1 -7.25 -0.49 -8.45
N LEU A 2 -6.90 -0.51 -7.17
CA LEU A 2 -6.22 -1.66 -6.58
C LEU A 2 -7.12 -2.89 -6.65
N PHE A 3 -8.43 -2.66 -6.74
CA PHE A 3 -9.39 -3.75 -6.88
C PHE A 3 -9.17 -4.50 -8.19
N GLU A 4 -9.20 -3.79 -9.31
CA GLU A 4 -8.96 -4.39 -10.61
C GLU A 4 -7.56 -5.01 -10.67
N LEU A 5 -6.57 -4.25 -10.20
CA LEU A 5 -5.19 -4.76 -10.13
C LEU A 5 -5.12 -6.04 -9.33
N GLY A 6 -5.70 -6.02 -8.14
CA GLY A 6 -5.66 -7.18 -7.25
C GLY A 6 -6.26 -8.39 -7.94
N LYS A 7 -7.38 -8.19 -8.62
CA LYS A 7 -8.10 -9.26 -9.28
C LYS A 7 -7.31 -9.80 -10.47
N MET A 8 -6.65 -8.92 -11.22
CA MET A 8 -5.86 -9.37 -12.36
C MET A 8 -4.67 -10.21 -11.90
N ILE A 9 -4.02 -9.74 -10.85
CA ILE A 9 -2.88 -10.46 -10.29
C ILE A 9 -3.32 -11.85 -9.83
N LEU A 10 -4.46 -11.88 -9.19
CA LEU A 10 -5.05 -13.11 -8.75
C LEU A 10 -5.36 -14.01 -9.92
N GLN A 11 -6.02 -13.52 -10.96
CA GLN A 11 -6.35 -14.35 -12.10
C GLN A 11 -5.13 -14.88 -12.83
N GLU A 12 -4.15 -14.01 -13.00
CA GLU A 12 -2.93 -14.41 -13.68
C GLU A 12 -2.05 -15.32 -12.84
N THR A 13 -1.73 -14.89 -11.63
CA THR A 13 -0.79 -15.65 -10.82
C THR A 13 -1.39 -16.76 -9.97
N GLY A 14 -2.68 -16.64 -9.63
CA GLY A 14 -3.30 -17.62 -8.75
C GLY A 14 -2.94 -17.39 -7.29
N LYS A 15 -2.19 -16.34 -7.01
CA LYS A 15 -1.80 -16.00 -5.65
C LYS A 15 -2.67 -14.88 -5.10
N ASN A 16 -2.85 -14.85 -3.78
CA ASN A 16 -3.44 -13.71 -3.09
C ASN A 16 -2.55 -12.51 -3.37
N PRO A 17 -3.07 -11.51 -4.10
CA PRO A 17 -2.20 -10.41 -4.53
C PRO A 17 -1.65 -9.60 -3.35
N ALA A 18 -2.47 -9.40 -2.33
CA ALA A 18 -2.06 -8.65 -1.16
C ALA A 18 -0.92 -9.35 -0.41
N LYS A 19 -1.08 -10.64 -0.14
CA LYS A 19 -0.08 -11.38 0.61
C LYS A 19 1.21 -11.54 -0.21
N SER A 20 1.06 -11.94 -1.46
CA SER A 20 2.21 -12.20 -2.31
C SER A 20 2.90 -10.95 -2.85
N TYR A 21 2.15 -9.86 -3.04
CA TYR A 21 2.68 -8.73 -3.78
C TYR A 21 2.39 -7.36 -3.17
N GLY A 22 1.63 -7.33 -2.08
CA GLY A 22 1.36 -6.08 -1.40
C GLY A 22 2.64 -5.46 -0.88
N ALA A 23 3.63 -6.30 -0.62
CA ALA A 23 4.93 -5.81 -0.18
C ALA A 23 5.94 -6.85 -0.57
N TYR A 24 6.45 -6.72 -1.77
CA TYR A 24 7.49 -7.62 -2.22
C TYR A 24 8.59 -6.80 -2.83
N GLY A 25 9.83 -7.10 -2.43
CA GLY A 25 10.97 -6.42 -2.99
C GLY A 25 10.93 -4.93 -2.74
N CYS A 26 11.59 -4.19 -3.61
CA CYS A 26 11.67 -2.74 -3.49
C CYS A 26 10.61 -2.03 -4.31
N ASN A 27 9.79 -2.79 -5.04
CA ASN A 27 8.85 -2.16 -5.97
C ASN A 27 7.39 -2.53 -5.83
N CYS A 28 7.11 -3.72 -5.32
CA CYS A 28 5.72 -4.15 -5.21
C CYS A 28 5.06 -3.59 -3.96
N GLY A 29 3.92 -2.95 -4.14
CA GLY A 29 3.19 -2.37 -3.02
C GLY A 29 3.52 -0.91 -2.78
N VAL A 30 3.50 -0.51 -1.52
CA VAL A 30 3.70 0.88 -1.15
C VAL A 30 5.14 1.32 -1.33
N LEU A 31 5.36 2.63 -1.22
CA LEU A 31 6.69 3.25 -1.11
C LEU A 31 7.52 3.31 -2.40
N GLY A 32 6.86 3.59 -3.52
CA GLY A 32 7.55 3.93 -4.76
C GLY A 32 8.48 2.85 -5.30
N ARG A 33 9.53 3.26 -6.02
CA ARG A 33 10.43 2.32 -6.67
C ARG A 33 11.79 2.24 -5.99
N GLY A 34 12.54 1.20 -6.33
CA GLY A 34 13.91 1.00 -5.88
C GLY A 34 14.53 -0.06 -6.78
N LYS A 35 15.84 -0.26 -6.67
CA LYS A 35 16.50 -1.27 -7.48
C LYS A 35 15.84 -2.64 -7.27
N PRO A 36 15.31 -3.22 -8.35
CA PRO A 36 14.57 -4.49 -8.24
C PRO A 36 15.42 -5.63 -7.70
N LYS A 37 14.83 -6.46 -6.85
CA LYS A 37 15.58 -7.56 -6.25
C LYS A 37 15.60 -8.73 -7.21
N ASP A 38 14.58 -8.81 -8.07
CA ASP A 38 14.46 -9.93 -8.99
C ASP A 38 13.45 -9.63 -10.08
N ALA A 39 13.13 -10.63 -10.89
CA ALA A 39 12.21 -10.41 -12.00
C ALA A 39 10.83 -9.97 -11.52
N THR A 40 10.34 -10.61 -10.46
CA THR A 40 9.03 -10.28 -9.89
C THR A 40 9.03 -8.82 -9.45
N ASP A 41 10.09 -8.44 -8.72
CA ASP A 41 10.24 -7.08 -8.25
C ASP A 41 10.29 -6.13 -9.44
N ARG A 42 11.00 -6.54 -10.50
CA ARG A 42 11.14 -5.75 -11.72
C ARG A 42 9.76 -5.47 -12.36
N CYS A 43 8.87 -6.46 -12.32
CA CYS A 43 7.52 -6.26 -12.83
C CYS A 43 6.89 -5.05 -12.17
N CYS A 44 6.99 -4.98 -10.86
CA CYS A 44 6.41 -3.87 -10.13
C CYS A 44 7.10 -2.54 -10.42
N TYR A 45 8.39 -2.63 -10.71
CA TYR A 45 9.20 -1.48 -11.07
C TYR A 45 8.63 -0.95 -12.37
N VAL A 46 8.52 -1.82 -13.36
CA VAL A 46 7.95 -1.45 -14.65
C VAL A 46 6.54 -0.94 -14.46
N HIS A 47 5.81 -1.59 -13.57
CA HIS A 47 4.43 -1.21 -13.33
C HIS A 47 4.35 0.24 -12.84
N LYS A 48 5.21 0.59 -11.90
CA LYS A 48 5.20 1.94 -11.34
C LYS A 48 5.69 2.96 -12.36
N CYS A 49 6.61 2.56 -13.21
CA CYS A 49 7.03 3.43 -14.30
C CYS A 49 5.89 3.59 -15.30
N CYS A 50 5.11 2.53 -15.48
CA CYS A 50 3.93 2.58 -16.35
C CYS A 50 2.92 3.58 -15.79
N TYR A 51 2.67 3.51 -14.48
CA TYR A 51 1.76 4.44 -13.83
C TYR A 51 2.19 5.87 -14.01
N LYS A 52 3.51 6.08 -14.02
CA LYS A 52 4.04 7.44 -14.14
C LYS A 52 3.66 8.05 -15.48
N LYS A 53 3.65 7.23 -16.52
CA LYS A 53 3.29 7.70 -17.85
C LYS A 53 1.80 8.01 -18.02
N LEU A 54 0.99 7.67 -17.02
CA LEU A 54 -0.47 7.86 -17.13
C LEU A 54 -0.83 9.35 -17.19
N THR A 55 -2.01 9.64 -17.71
CA THR A 55 -2.32 11.01 -18.09
C THR A 55 -3.45 11.63 -17.28
N GLY A 56 -3.39 11.47 -15.96
CA GLY A 56 -4.28 12.19 -15.07
C GLY A 56 -5.15 11.33 -14.17
N CYS A 57 -5.57 10.17 -14.69
CA CYS A 57 -6.42 9.27 -13.91
C CYS A 57 -5.65 8.75 -12.71
N ASN A 58 -6.38 8.25 -11.71
CA ASN A 58 -5.78 7.80 -10.46
C ASN A 58 -5.73 6.29 -10.37
N PRO A 59 -4.53 5.72 -10.53
CA PRO A 59 -4.38 4.27 -10.58
C PRO A 59 -4.85 3.59 -9.30
N LYS A 60 -4.75 4.31 -8.19
CA LYS A 60 -5.17 3.76 -6.91
C LYS A 60 -6.68 3.70 -6.80
N LYS A 61 -7.33 4.82 -7.11
CA LYS A 61 -8.75 4.99 -6.81
C LYS A 61 -9.69 4.78 -7.99
N ASP A 62 -9.23 5.10 -9.20
CA ASP A 62 -10.11 5.03 -10.37
C ASP A 62 -10.38 3.58 -10.81
N ARG A 63 -11.66 3.24 -10.89
CA ARG A 63 -12.07 1.92 -11.34
C ARG A 63 -12.15 1.92 -12.86
N TYR A 64 -11.98 0.75 -13.47
CA TYR A 64 -12.08 0.66 -14.90
C TYR A 64 -12.63 -0.67 -15.31
N SER A 65 -12.96 -0.79 -16.59
CA SER A 65 -13.56 -2.02 -17.07
C SER A 65 -12.54 -2.90 -17.77
N TYR A 66 -12.44 -4.13 -17.29
CA TYR A 66 -11.72 -5.16 -18.01
C TYR A 66 -12.50 -6.44 -17.86
N SER A 67 -12.26 -7.38 -18.77
CA SER A 67 -12.87 -8.69 -18.65
C SER A 67 -11.78 -9.76 -18.71
N TRP A 68 -12.05 -10.88 -18.06
CA TRP A 68 -11.17 -12.03 -18.13
C TRP A 68 -11.80 -12.99 -19.14
N LYS A 69 -11.35 -12.93 -20.39
CA LYS A 69 -11.95 -13.74 -21.44
C LYS A 69 -10.92 -14.64 -22.10
N ASP A 70 -11.26 -15.92 -22.25
CA ASP A 70 -10.31 -16.93 -22.70
C ASP A 70 -9.00 -16.82 -21.93
N LYS A 71 -9.10 -16.72 -20.61
CA LYS A 71 -7.95 -16.57 -19.71
C LYS A 71 -6.98 -15.50 -20.15
N THR A 72 -7.51 -14.35 -20.55
CA THR A 72 -6.70 -13.23 -21.00
C THR A 72 -7.35 -12.00 -20.42
N ILE A 73 -6.54 -11.07 -19.93
CA ILE A 73 -7.10 -9.82 -19.45
C ILE A 73 -7.39 -8.93 -20.64
N VAL A 74 -8.65 -8.51 -20.77
CA VAL A 74 -9.01 -7.65 -21.86
C VAL A 74 -9.39 -6.30 -21.33
N CYS A 75 -8.62 -5.28 -21.70
CA CYS A 75 -8.92 -3.93 -21.28
C CYS A 75 -9.94 -3.28 -22.19
N GLY A 76 -11.21 -3.57 -21.94
CA GLY A 76 -12.30 -3.03 -22.74
C GLY A 76 -12.54 -1.56 -22.50
N GLU A 77 -11.91 -1.02 -21.48
CA GLU A 77 -12.02 0.39 -21.17
C GLU A 77 -11.69 1.26 -22.40
N ASN A 78 -12.51 2.27 -22.66
CA ASN A 78 -12.32 3.11 -23.82
C ASN A 78 -11.72 4.46 -23.49
N ASN A 79 -11.94 4.93 -22.27
CA ASN A 79 -11.32 6.15 -21.81
C ASN A 79 -9.80 5.99 -21.90
N PRO A 80 -9.12 6.98 -22.51
CA PRO A 80 -7.69 6.92 -22.79
C PRO A 80 -6.82 6.57 -21.58
N CYS A 81 -7.02 7.25 -20.45
CA CYS A 81 -6.14 7.05 -19.31
C CYS A 81 -6.46 5.73 -18.61
N LEU A 82 -7.75 5.51 -18.39
CA LEU A 82 -8.20 4.30 -17.74
C LEU A 82 -7.80 3.10 -18.58
N LYS A 83 -7.82 3.25 -19.90
CA LYS A 83 -7.35 2.18 -20.78
C LYS A 83 -5.86 1.89 -20.55
N GLU A 84 -5.03 2.93 -20.57
CA GLU A 84 -3.60 2.75 -20.27
C GLU A 84 -3.38 2.25 -18.84
N LEU A 85 -4.21 2.73 -17.92
CA LEU A 85 -4.15 2.24 -16.55
C LEU A 85 -4.40 0.74 -16.53
N CYS A 86 -5.48 0.34 -17.20
CA CYS A 86 -5.82 -1.06 -17.29
C CYS A 86 -4.68 -1.85 -17.91
N GLU A 87 -4.08 -1.28 -18.95
CA GLU A 87 -2.97 -1.93 -19.63
C GLU A 87 -1.74 -2.05 -18.74
N CYS A 88 -1.49 -1.02 -17.94
CA CYS A 88 -0.42 -1.09 -16.94
C CYS A 88 -0.64 -2.28 -16.00
N ASP A 89 -1.86 -2.41 -15.50
CA ASP A 89 -2.18 -3.43 -14.52
C ASP A 89 -2.16 -4.82 -15.13
N LYS A 90 -2.64 -4.91 -16.36
CA LYS A 90 -2.59 -6.16 -17.09
C LYS A 90 -1.14 -6.60 -17.25
N ALA A 91 -0.30 -5.68 -17.69
CA ALA A 91 1.11 -5.99 -17.89
C ALA A 91 1.77 -6.52 -16.62
N VAL A 92 1.53 -5.84 -15.49
CA VAL A 92 2.16 -6.30 -14.25
C VAL A 92 1.63 -7.67 -13.82
N ALA A 93 0.34 -7.88 -13.98
CA ALA A 93 -0.25 -9.17 -13.61
C ALA A 93 0.38 -10.28 -14.44
N ILE A 94 0.50 -10.05 -15.73
CA ILE A 94 1.11 -11.02 -16.62
C ILE A 94 2.56 -11.23 -16.24
N CYS A 95 3.25 -10.14 -16.00
CA CYS A 95 4.66 -10.17 -15.64
C CYS A 95 4.91 -10.99 -14.36
N LEU A 96 4.08 -10.75 -13.36
CA LEU A 96 4.17 -11.48 -12.10
C LEU A 96 3.96 -12.96 -12.32
N ARG A 97 2.90 -13.30 -13.05
CA ARG A 97 2.63 -14.68 -13.43
C ARG A 97 3.80 -15.30 -14.15
N GLU A 98 4.33 -14.61 -15.16
CA GLU A 98 5.44 -15.15 -15.95
C GLU A 98 6.68 -15.37 -15.10
N ASN A 99 6.83 -14.60 -14.04
CA ASN A 99 7.99 -14.75 -13.16
C ASN A 99 7.75 -15.43 -11.84
N LEU A 100 6.62 -16.10 -11.73
CA LEU A 100 6.25 -16.83 -10.53
C LEU A 100 7.32 -17.83 -10.13
N GLY A 101 7.96 -18.43 -11.12
CA GLY A 101 8.96 -19.45 -10.89
C GLY A 101 10.17 -18.96 -10.11
N THR A 102 10.36 -17.65 -10.04
CA THR A 102 11.49 -17.14 -9.26
C THR A 102 11.03 -16.26 -8.10
N TYR A 103 9.73 -16.23 -7.88
CA TYR A 103 9.18 -15.54 -6.72
C TYR A 103 9.92 -16.04 -5.49
N ASN A 104 10.44 -15.12 -4.68
CA ASN A 104 11.18 -15.50 -3.49
C ASN A 104 10.50 -14.95 -2.25
N LYS A 105 9.95 -15.86 -1.44
CA LYS A 105 9.19 -15.48 -0.25
C LYS A 105 10.01 -14.57 0.67
N LEU A 106 11.33 -14.73 0.65
CA LEU A 106 12.22 -13.85 1.41
C LEU A 106 12.02 -12.36 1.08
N TYR A 107 11.57 -12.08 -0.13
CA TYR A 107 11.35 -10.69 -0.53
C TYR A 107 9.94 -10.23 -0.20
N ARG A 108 9.11 -11.14 0.30
CA ARG A 108 7.81 -10.74 0.79
C ARG A 108 8.09 -9.94 2.05
N TYR A 109 7.38 -8.82 2.18
CA TYR A 109 7.53 -7.91 3.32
C TYR A 109 8.94 -7.33 3.40
N HIS A 110 9.58 -7.17 2.24
CA HIS A 110 10.92 -6.62 2.22
C HIS A 110 10.87 -5.20 2.76
N LEU A 111 11.87 -4.83 3.55
CA LEU A 111 11.87 -3.48 4.12
C LEU A 111 12.34 -2.46 3.11
N LYS A 112 11.39 -1.67 2.61
CA LYS A 112 11.63 -0.67 1.58
C LYS A 112 12.79 0.31 1.82
N PRO A 113 13.00 0.76 3.08
CA PRO A 113 14.16 1.63 3.26
C PRO A 113 15.49 0.97 2.95
N PHE A 114 15.55 -0.37 2.96
CA PHE A 114 16.79 -1.09 2.68
C PHE A 114 17.12 -1.14 1.18
N CYS A 115 16.25 -0.58 0.36
CA CYS A 115 16.41 -0.62 -1.09
C CYS A 115 17.25 0.52 -1.66
N LYS A 116 18.15 0.19 -2.57
CA LYS A 116 18.85 1.21 -3.35
C LYS A 116 17.84 2.00 -4.17
N LYS A 117 18.05 3.31 -4.29
CA LYS A 117 17.12 4.16 -5.01
C LYS A 117 17.01 3.72 -6.46
N ALA A 118 15.81 3.86 -7.01
CA ALA A 118 15.54 3.43 -8.37
C ALA A 118 16.15 4.36 -9.38
N ASP A 119 16.60 3.81 -10.49
CA ASP A 119 16.96 4.65 -11.64
C ASP A 119 15.70 5.32 -12.13
N ASP A 120 15.86 6.45 -12.78
CA ASP A 120 14.73 7.13 -13.39
C ASP A 120 14.05 6.22 -14.41
N CYS A 121 12.73 6.33 -14.53
CA CYS A 121 11.97 5.44 -15.41
C CYS A 121 12.35 5.63 -16.88
N SER B 1 4.77 11.13 4.64
CA SER B 1 4.46 10.15 3.60
C SER B 1 4.44 8.77 4.24
N LEU B 2 4.13 7.74 3.46
CA LEU B 2 4.11 6.39 4.01
C LEU B 2 5.52 5.93 4.39
N PHE B 3 6.52 6.58 3.81
CA PHE B 3 7.92 6.29 4.16
C PHE B 3 8.17 6.59 5.63
N GLU B 4 7.71 7.74 6.10
CA GLU B 4 7.86 8.06 7.52
C GLU B 4 6.96 7.17 8.36
N LEU B 5 5.76 6.92 7.86
CA LEU B 5 4.78 6.10 8.56
C LEU B 5 5.35 4.71 8.82
N GLY B 6 5.86 4.09 7.76
CA GLY B 6 6.49 2.79 7.86
C GLY B 6 7.57 2.78 8.92
N LYS B 7 8.44 3.79 8.88
CA LYS B 7 9.52 3.86 9.85
C LYS B 7 8.99 3.94 11.27
N MET B 8 8.00 4.80 11.49
CA MET B 8 7.41 4.96 12.82
C MET B 8 6.82 3.67 13.37
N ILE B 9 6.21 2.89 12.49
CA ILE B 9 5.56 1.64 12.89
C ILE B 9 6.63 0.66 13.35
N LEU B 10 7.69 0.57 12.57
CA LEU B 10 8.87 -0.17 12.95
C LEU B 10 9.39 0.32 14.31
N GLN B 11 9.51 1.63 14.47
CA GLN B 11 10.07 2.19 15.71
C GLN B 11 9.21 1.85 16.90
N GLU B 12 7.90 2.04 16.75
CA GLU B 12 6.99 1.78 17.84
C GLU B 12 6.78 0.30 18.11
N THR B 13 6.51 -0.46 17.06
CA THR B 13 6.04 -1.83 17.25
C THR B 13 7.15 -2.84 17.13
N GLY B 14 8.20 -2.48 16.39
CA GLY B 14 9.27 -3.43 16.11
C GLY B 14 8.86 -4.49 15.10
N LYS B 15 7.62 -4.40 14.62
CA LYS B 15 7.10 -5.37 13.64
C LYS B 15 7.28 -4.83 12.24
N ASN B 16 7.54 -5.72 11.28
CA ASN B 16 7.49 -5.38 9.87
C ASN B 16 6.13 -4.74 9.59
N PRO B 17 6.12 -3.48 9.09
CA PRO B 17 4.84 -2.77 8.95
C PRO B 17 3.88 -3.40 7.93
N ALA B 18 4.39 -3.75 6.75
CA ALA B 18 3.52 -4.33 5.73
C ALA B 18 2.97 -5.70 6.16
N LYS B 19 3.84 -6.51 6.77
CA LYS B 19 3.44 -7.86 7.18
C LYS B 19 2.28 -7.78 8.16
N SER B 20 2.39 -6.88 9.13
CA SER B 20 1.38 -6.82 10.16
C SER B 20 0.24 -5.85 9.87
N TYR B 21 0.50 -4.84 9.06
CA TYR B 21 -0.48 -3.75 8.88
C TYR B 21 -0.74 -3.32 7.45
N GLY B 22 -0.15 -4.00 6.48
CA GLY B 22 -0.35 -3.66 5.08
C GLY B 22 -1.71 -4.13 4.60
N ALA B 23 -2.24 -5.14 5.26
CA ALA B 23 -3.57 -5.65 4.95
C ALA B 23 -4.06 -6.35 6.19
N TYR B 24 -4.75 -5.60 7.03
CA TYR B 24 -5.22 -6.11 8.31
C TYR B 24 -6.55 -5.45 8.56
N GLY B 25 -7.51 -6.26 8.96
CA GLY B 25 -8.84 -5.76 9.27
C GLY B 25 -9.42 -5.00 8.11
N CYS B 26 -10.32 -4.09 8.43
CA CYS B 26 -11.04 -3.34 7.43
C CYS B 26 -10.40 -2.01 7.15
N ASN B 27 -9.36 -1.68 7.91
CA ASN B 27 -8.82 -0.32 7.88
C ASN B 27 -7.32 -0.17 7.70
N CYS B 28 -6.58 -1.22 8.00
CA CYS B 28 -5.12 -1.16 7.86
C CYS B 28 -4.71 -1.57 6.48
N GLY B 29 -4.09 -0.64 5.75
CA GLY B 29 -3.59 -0.94 4.43
C GLY B 29 -4.38 -0.17 3.40
N VAL B 30 -4.65 -0.81 2.27
CA VAL B 30 -5.34 -0.12 1.19
C VAL B 30 -6.84 -0.31 1.28
N LEU B 31 -7.54 0.19 0.26
CA LEU B 31 -8.99 0.07 0.14
C LEU B 31 -9.75 0.81 1.24
N GLY B 32 -9.15 1.88 1.75
CA GLY B 32 -9.84 2.83 2.61
C GLY B 32 -10.32 2.29 3.94
N ARG B 33 -11.42 2.85 4.44
CA ARG B 33 -11.94 2.48 5.75
C ARG B 33 -13.13 1.52 5.71
N GLY B 34 -13.38 0.91 6.86
CA GLY B 34 -14.54 0.05 7.09
C GLY B 34 -14.75 -0.07 8.59
N LYS B 35 -15.84 -0.71 8.99
CA LYS B 35 -16.06 -0.97 10.42
C LYS B 35 -14.88 -1.75 11.00
N PRO B 36 -14.26 -1.21 12.05
CA PRO B 36 -13.04 -1.84 12.57
C PRO B 36 -13.32 -3.20 13.19
N LYS B 37 -12.41 -4.15 12.95
CA LYS B 37 -12.55 -5.50 13.48
C LYS B 37 -12.10 -5.59 14.91
N ASP B 38 -11.15 -4.74 15.28
CA ASP B 38 -10.58 -4.76 16.61
C ASP B 38 -9.83 -3.45 16.87
N ALA B 39 -9.12 -3.40 17.98
CA ALA B 39 -8.45 -2.17 18.40
C ALA B 39 -7.38 -1.74 17.40
N THR B 40 -6.58 -2.70 16.93
CA THR B 40 -5.58 -2.43 15.90
C THR B 40 -6.22 -1.84 14.65
N ASP B 41 -7.31 -2.44 14.22
CA ASP B 41 -8.00 -1.97 13.05
C ASP B 41 -8.49 -0.54 13.30
N ARG B 42 -8.94 -0.31 14.52
CA ARG B 42 -9.37 1.02 14.93
C ARG B 42 -8.26 2.08 14.83
N CYS B 43 -7.04 1.71 15.21
CA CYS B 43 -5.90 2.61 15.00
C CYS B 43 -5.87 3.10 13.55
N CYS B 44 -5.97 2.14 12.62
CA CYS B 44 -5.88 2.44 11.21
C CYS B 44 -7.06 3.26 10.72
N TYR B 45 -8.22 2.99 11.31
CA TYR B 45 -9.45 3.71 11.00
C TYR B 45 -9.25 5.17 11.40
N VAL B 46 -8.90 5.38 12.67
CA VAL B 46 -8.60 6.71 13.19
C VAL B 46 -7.54 7.40 12.34
N HIS B 47 -6.52 6.64 11.98
CA HIS B 47 -5.42 7.15 11.18
C HIS B 47 -5.94 7.64 9.84
N LYS B 48 -6.80 6.86 9.21
CA LYS B 48 -7.31 7.27 7.91
C LYS B 48 -8.21 8.50 8.01
N CYS B 49 -8.95 8.59 9.11
CA CYS B 49 -9.75 9.78 9.37
C CYS B 49 -8.84 10.98 9.64
N CYS B 50 -7.72 10.73 10.30
CA CYS B 50 -6.73 11.78 10.55
C CYS B 50 -6.22 12.35 9.22
N TYR B 51 -5.86 11.45 8.31
CA TYR B 51 -5.42 11.84 6.98
C TYR B 51 -6.50 12.64 6.27
N LYS B 52 -7.74 12.12 6.30
CA LYS B 52 -8.86 12.73 5.60
C LYS B 52 -9.05 14.18 6.01
N LYS B 53 -8.85 14.46 7.30
CA LYS B 53 -9.05 15.79 7.86
C LYS B 53 -7.97 16.80 7.45
N LEU B 54 -6.91 16.31 6.83
CA LEU B 54 -5.80 17.17 6.41
C LEU B 54 -6.12 17.95 5.15
N THR B 55 -6.19 19.27 5.28
CA THR B 55 -6.60 20.14 4.19
C THR B 55 -5.45 20.59 3.30
N GLY B 56 -4.27 20.79 3.88
CA GLY B 56 -3.23 21.55 3.21
C GLY B 56 -2.06 20.78 2.60
N CYS B 57 -2.15 19.47 2.59
CA CYS B 57 -1.04 18.66 2.06
C CYS B 57 -1.51 17.25 1.69
N ASN B 58 -0.59 16.47 1.11
CA ASN B 58 -0.91 15.12 0.65
C ASN B 58 -0.30 14.10 1.59
N PRO B 59 -1.14 13.43 2.38
CA PRO B 59 -0.68 12.56 3.48
C PRO B 59 0.17 11.38 3.03
N LYS B 60 -0.10 10.83 1.84
CA LYS B 60 0.64 9.64 1.43
C LYS B 60 1.94 10.01 0.72
N LYS B 61 1.95 11.13 0.01
CA LYS B 61 3.08 11.52 -0.82
C LYS B 61 4.06 12.42 -0.07
N ASP B 62 3.54 13.39 0.67
CA ASP B 62 4.36 14.42 1.28
C ASP B 62 5.27 13.89 2.39
N ARG B 63 6.56 14.10 2.21
CA ARG B 63 7.54 13.71 3.23
C ARG B 63 7.60 14.78 4.29
N TYR B 64 8.00 14.39 5.49
CA TYR B 64 8.17 15.35 6.57
C TYR B 64 9.32 14.90 7.44
N SER B 65 9.66 15.74 8.40
CA SER B 65 10.79 15.46 9.26
C SER B 65 10.29 15.19 10.67
N TYR B 66 10.84 14.15 11.28
CA TYR B 66 10.56 13.90 12.68
C TYR B 66 11.78 13.31 13.34
N SER B 67 11.75 13.23 14.66
CA SER B 67 12.87 12.74 15.42
C SER B 67 12.46 11.64 16.38
N TRP B 68 13.47 10.95 16.88
CA TRP B 68 13.30 9.86 17.82
C TRP B 68 14.08 10.28 19.04
N LYS B 69 13.41 10.95 19.97
CA LYS B 69 14.05 11.45 21.18
C LYS B 69 13.41 10.78 22.38
N ASP B 70 14.23 10.26 23.28
CA ASP B 70 13.78 9.41 24.38
C ASP B 70 12.79 8.32 23.97
N LYS B 71 13.14 7.57 22.93
CA LYS B 71 12.29 6.51 22.39
C LYS B 71 10.87 7.03 22.16
N THR B 72 10.79 8.24 21.60
CA THR B 72 9.51 8.90 21.39
C THR B 72 9.59 9.59 20.05
N ILE B 73 8.56 9.41 19.23
CA ILE B 73 8.43 10.10 17.96
C ILE B 73 8.15 11.56 18.23
N VAL B 74 9.02 12.42 17.70
CA VAL B 74 8.88 13.84 17.93
C VAL B 74 8.75 14.52 16.58
N CYS B 75 7.57 15.09 16.33
CA CYS B 75 7.29 15.72 15.05
C CYS B 75 7.84 17.14 15.07
N GLY B 76 8.99 17.34 14.42
CA GLY B 76 9.62 18.64 14.41
C GLY B 76 9.27 19.51 13.23
N GLU B 77 8.16 19.21 12.57
CA GLU B 77 7.75 20.00 11.41
C GLU B 77 7.25 21.38 11.80
N ASN B 78 7.74 22.39 11.10
CA ASN B 78 7.22 23.73 11.25
C ASN B 78 6.02 23.92 10.33
N ASN B 79 6.07 23.27 9.18
CA ASN B 79 4.94 23.21 8.27
C ASN B 79 3.73 22.60 8.99
N PRO B 80 2.68 23.41 9.18
CA PRO B 80 1.50 23.03 9.95
C PRO B 80 0.87 21.73 9.45
N CYS B 81 0.64 21.63 8.15
CA CYS B 81 0.02 20.43 7.61
C CYS B 81 0.91 19.20 7.82
N LEU B 82 2.18 19.33 7.43
CA LEU B 82 3.15 18.24 7.63
C LEU B 82 3.28 17.88 9.10
N LYS B 83 3.17 18.89 9.96
CA LYS B 83 3.13 18.65 11.41
C LYS B 83 1.91 17.83 11.80
N GLU B 84 0.72 18.24 11.35
CA GLU B 84 -0.49 17.45 11.60
C GLU B 84 -0.37 16.06 10.98
N LEU B 85 0.16 15.99 9.76
CA LEU B 85 0.46 14.71 9.13
C LEU B 85 1.36 13.81 9.99
N CYS B 86 2.46 14.38 10.44
CA CYS B 86 3.39 13.65 11.28
C CYS B 86 2.70 13.16 12.55
N GLU B 87 1.88 14.01 13.15
CA GLU B 87 1.14 13.61 14.34
C GLU B 87 0.12 12.50 14.04
N CYS B 88 -0.49 12.53 12.87
CA CYS B 88 -1.36 11.43 12.43
C CYS B 88 -0.59 10.12 12.46
N ASP B 89 0.59 10.12 11.84
CA ASP B 89 1.38 8.91 11.69
C ASP B 89 1.90 8.44 13.05
N LYS B 90 2.38 9.39 13.84
CA LYS B 90 2.84 9.09 15.18
C LYS B 90 1.76 8.41 15.99
N ALA B 91 0.56 9.00 15.95
CA ALA B 91 -0.57 8.47 16.69
C ALA B 91 -0.91 7.04 16.28
N VAL B 92 -0.86 6.74 14.98
CA VAL B 92 -1.22 5.39 14.58
C VAL B 92 -0.11 4.40 14.95
N ALA B 93 1.15 4.83 14.88
CA ALA B 93 2.24 3.92 15.19
C ALA B 93 2.18 3.60 16.67
N ILE B 94 1.83 4.61 17.48
CA ILE B 94 1.73 4.40 18.91
C ILE B 94 0.54 3.52 19.21
N CYS B 95 -0.56 3.82 18.55
CA CYS B 95 -1.78 3.04 18.70
C CYS B 95 -1.48 1.59 18.37
N LEU B 96 -0.80 1.37 17.26
CA LEU B 96 -0.51 0.01 16.82
C LEU B 96 0.30 -0.74 17.87
N ARG B 97 1.36 -0.12 18.41
CA ARG B 97 2.11 -0.76 19.49
C ARG B 97 1.21 -1.04 20.67
N GLU B 98 0.40 -0.05 21.07
CA GLU B 98 -0.42 -0.22 22.26
C GLU B 98 -1.45 -1.32 22.08
N ASN B 99 -1.73 -1.68 20.84
CA ASN B 99 -2.77 -2.69 20.64
C ASN B 99 -2.27 -4.00 20.09
N LEU B 100 -0.94 -4.14 20.05
CA LEU B 100 -0.31 -5.41 19.76
C LEU B 100 -0.87 -6.52 20.64
N GLY B 101 -1.22 -6.17 21.87
CA GLY B 101 -1.73 -7.12 22.85
C GLY B 101 -3.00 -7.82 22.42
N THR B 102 -3.75 -7.24 21.50
CA THR B 102 -4.95 -7.91 21.00
C THR B 102 -4.89 -8.11 19.51
N TYR B 103 -3.69 -7.92 18.95
CA TYR B 103 -3.49 -8.10 17.52
C TYR B 103 -3.86 -9.52 17.18
N ASN B 104 -4.61 -9.70 16.12
CA ASN B 104 -5.02 -11.05 15.74
C ASN B 104 -4.66 -11.36 14.30
N LYS B 105 -3.76 -12.32 14.12
CA LYS B 105 -3.30 -12.68 12.77
C LYS B 105 -4.44 -13.06 11.82
N LEU B 106 -5.58 -13.52 12.34
CA LEU B 106 -6.68 -13.89 11.44
C LEU B 106 -7.28 -12.67 10.72
N TYR B 107 -6.94 -11.48 11.19
CA TYR B 107 -7.42 -10.27 10.53
C TYR B 107 -6.43 -9.84 9.46
N ARG B 108 -5.30 -10.51 9.37
CA ARG B 108 -4.41 -10.22 8.25
C ARG B 108 -5.09 -10.69 6.98
N TYR B 109 -4.97 -9.89 5.92
CA TYR B 109 -5.59 -10.21 4.64
C TYR B 109 -7.09 -10.43 4.77
N HIS B 110 -7.67 -9.73 5.73
CA HIS B 110 -9.11 -9.69 5.88
C HIS B 110 -9.67 -9.21 4.57
N LEU B 111 -10.80 -9.75 4.16
CA LEU B 111 -11.38 -9.35 2.88
C LEU B 111 -12.10 -8.01 2.99
N LYS B 112 -11.33 -6.93 2.75
CA LYS B 112 -11.81 -5.56 2.92
C LYS B 112 -13.10 -5.20 2.16
N PRO B 113 -13.26 -5.64 0.89
CA PRO B 113 -14.49 -5.26 0.19
C PRO B 113 -15.76 -5.71 0.91
N PHE B 114 -15.64 -6.70 1.80
CA PHE B 114 -16.81 -7.22 2.48
C PHE B 114 -16.97 -6.62 3.89
N CYS B 115 -16.14 -5.63 4.22
CA CYS B 115 -16.26 -4.97 5.50
C CYS B 115 -17.55 -4.17 5.51
N LYS B 116 -18.15 -4.01 6.69
CA LYS B 116 -19.27 -3.11 6.84
C LYS B 116 -18.78 -1.71 6.56
N LYS B 117 -19.60 -0.91 5.87
CA LYS B 117 -19.23 0.46 5.55
C LYS B 117 -18.91 1.21 6.84
N ALA B 118 -17.98 2.17 6.75
CA ALA B 118 -17.56 2.91 7.93
C ALA B 118 -18.40 4.16 8.13
N ASP B 119 -18.63 4.52 9.38
CA ASP B 119 -19.22 5.81 9.67
C ASP B 119 -18.23 6.87 9.24
N ASP B 120 -18.74 8.01 8.80
CA ASP B 120 -17.89 9.08 8.33
C ASP B 120 -17.01 9.58 9.46
N CYS B 121 -15.84 10.12 9.10
CA CYS B 121 -14.89 10.60 10.08
C CYS B 121 -15.43 11.80 10.86
#